data_4JV3
#
_entry.id   4JV3
#
_cell.length_a   78.160
_cell.length_b   84.480
_cell.length_c   74.020
_cell.angle_alpha   90.000
_cell.angle_beta   120.810
_cell.angle_gamma   90.000
#
_symmetry.space_group_name_H-M   'C 1 2 1'
#
loop_
_entity.id
_entity.type
_entity.pdbx_description
1 polymer 'Beta-ketoacyl synthase'
2 non-polymer '2,4-dihydroxy-3-({3-[(2S,4aS,8S,8aR)-8-methyl-3-methylidene-7-oxo-1,3,4,7,8,8a-hexahydro-2H-2,4a-ethanonaphthalen-8-yl]propanoyl}amino)benzoic acid'
3 water water
#
_entity_poly.entity_id   1
_entity_poly.type   'polypeptide(L)'
_entity_poly.pdbx_seq_one_letter_code
;MAHHHHHHMGTLEAQTQGPGSMRRVVVTGMGIVSSIGSNTEEVTASLREAKSGISRAEEYAELGFRCQVHGAPDIDIESL
VDRRAMRFHGRGTAWNHIAMDQAIADAGLTEEEVSNERTGIIMGSGGPSTRTIVDSADITREKGPKRVGPFAVPKAMSST
ASATLATFFKIKGINYSISSA(CSU)ATSNHCIGNAYEMIQYGKQDRMFAGGCEDLDWTLSVLFDAMGAMSSKYNDTPST
ASRAYDKNRDGFVIAGGAGVLVLEDLETALARGAKIYGEIVGYGATSDGYDMVAPSGEGAIRCMKMALSTVTSKIDYINP
HATSTPAGDAPEIEAIRQIFGAGDVCPPIAATKSLTGHSLGATGVQEAIYSLLMMQNNFICESAHIEELDPAFADMPIVR
KRIDNVQLNTVLSNSFGFGGTNATLVFQRYQG
;
_entity_poly.pdbx_strand_id   A
#
# COMPACT_ATOMS: atom_id res chain seq x y z
N MET A 22 -27.16 -0.07 -5.07
CA MET A 22 -25.92 -0.40 -4.35
C MET A 22 -25.65 0.64 -3.27
N ARG A 23 -25.18 0.19 -2.12
CA ARG A 23 -24.98 1.06 -0.98
C ARG A 23 -23.70 1.87 -1.11
N ARG A 24 -23.65 2.99 -0.41
CA ARG A 24 -22.48 3.82 -0.33
C ARG A 24 -21.57 3.31 0.77
N VAL A 25 -20.28 3.50 0.59
CA VAL A 25 -19.26 2.92 1.42
C VAL A 25 -18.25 3.99 1.82
N VAL A 26 -17.99 4.08 3.12
CA VAL A 26 -17.10 5.11 3.62
C VAL A 26 -15.96 4.52 4.47
N VAL A 27 -14.86 5.27 4.53
CA VAL A 27 -13.69 4.95 5.37
C VAL A 27 -13.85 5.63 6.75
N THR A 28 -13.82 4.84 7.79
CA THR A 28 -14.10 5.34 9.15
C THR A 28 -12.96 5.13 10.13
N GLY A 29 -11.86 4.56 9.66
CA GLY A 29 -10.69 4.38 10.50
C GLY A 29 -9.52 3.99 9.67
N MET A 30 -8.34 4.35 10.12
CA MET A 30 -7.11 4.03 9.40
C MET A 30 -6.01 3.63 10.40
N GLY A 31 -5.13 2.75 9.95
CA GLY A 31 -3.96 2.35 10.71
C GLY A 31 -2.80 2.09 9.79
N ILE A 32 -1.58 2.36 10.25
CA ILE A 32 -0.43 2.23 9.34
C ILE A 32 0.90 2.03 10.06
N VAL A 33 1.73 1.16 9.48
CA VAL A 33 3.12 1.00 9.86
C VAL A 33 3.91 1.19 8.59
N SER A 34 4.72 2.24 8.55
CA SER A 34 5.36 2.64 7.31
C SER A 34 6.82 3.02 7.51
N SER A 35 7.57 3.03 6.41
CA SER A 35 8.94 3.53 6.45
C SER A 35 8.99 4.99 6.81
N ILE A 36 7.87 5.70 6.63
CA ILE A 36 7.79 7.14 6.96
C ILE A 36 6.94 7.44 8.19
N GLY A 37 6.58 6.40 8.95
CA GLY A 37 6.02 6.64 10.28
C GLY A 37 5.28 5.44 10.79
N SER A 38 5.15 5.40 12.10
CA SER A 38 4.54 4.29 12.80
C SER A 38 3.09 4.54 13.21
N ASN A 39 2.54 5.66 12.76
CA ASN A 39 1.11 6.00 12.92
C ASN A 39 0.79 7.10 11.94
N THR A 40 -0.47 7.52 11.88
CA THR A 40 -0.87 8.49 10.87
C THR A 40 -0.31 9.87 11.14
N GLU A 41 -0.08 10.21 12.39
CA GLU A 41 0.54 11.50 12.69
C GLU A 41 1.94 11.58 12.17
N GLU A 42 2.75 10.53 12.40
CA GLU A 42 4.15 10.54 11.96
C GLU A 42 4.20 10.54 10.43
N VAL A 43 3.31 9.77 9.82
CA VAL A 43 3.24 9.73 8.38
C VAL A 43 2.89 11.10 7.80
N THR A 44 1.93 11.78 8.42
CA THR A 44 1.53 13.10 7.91
C THR A 44 2.71 14.06 7.96
N ALA A 45 3.45 14.06 9.08
CA ALA A 45 4.62 14.91 9.22
C ALA A 45 5.68 14.61 8.13
N SER A 46 5.89 13.34 7.83
CA SER A 46 6.86 12.98 6.80
C SER A 46 6.45 13.45 5.42
N LEU A 47 5.15 13.33 5.11
CA LEU A 47 4.64 13.75 3.81
C LEU A 47 4.79 15.27 3.68
N ARG A 48 4.41 15.98 4.74
CA ARG A 48 4.43 17.44 4.72
C ARG A 48 5.83 17.97 4.52
N GLU A 49 6.79 17.36 5.20
CA GLU A 49 8.18 17.82 5.16
C GLU A 49 9.09 17.05 4.18
N ALA A 50 8.50 16.19 3.35
CA ALA A 50 9.26 15.36 2.42
C ALA A 50 10.45 14.71 3.08
N LYS A 51 10.20 14.08 4.21
CA LYS A 51 11.23 13.31 4.91
C LYS A 51 11.29 11.88 4.37
N SER A 52 12.38 11.55 3.70
CA SER A 52 12.56 10.22 3.18
C SER A 52 12.60 9.16 4.26
N GLY A 53 12.04 7.99 3.95
CA GLY A 53 12.12 6.81 4.85
C GLY A 53 13.18 5.81 4.42
N ILE A 54 14.03 6.19 3.47
CA ILE A 54 14.97 5.25 2.86
C ILE A 54 16.36 5.37 3.50
N SER A 55 16.97 4.21 3.77
CA SER A 55 18.27 4.11 4.41
C SER A 55 19.15 3.02 3.77
N ARG A 56 20.43 3.03 4.11
CA ARG A 56 21.31 1.97 3.70
C ARG A 56 20.89 0.64 4.34
N ALA A 57 20.91 -0.41 3.53
CA ALA A 57 20.70 -1.78 3.99
C ALA A 57 22.04 -2.51 4.02
N GLU A 58 22.76 -2.45 5.16
CA GLU A 58 24.10 -3.04 5.21
CA GLU A 58 24.10 -3.05 5.24
C GLU A 58 24.07 -4.54 4.95
N GLU A 59 23.00 -5.21 5.36
CA GLU A 59 22.88 -6.64 5.14
C GLU A 59 22.92 -6.98 3.64
N TYR A 60 22.32 -6.13 2.82
CA TYR A 60 22.31 -6.38 1.40
C TYR A 60 23.72 -6.24 0.85
N ALA A 61 24.48 -5.28 1.37
CA ALA A 61 25.87 -5.17 0.94
C ALA A 61 26.67 -6.42 1.34
N GLU A 62 26.46 -6.92 2.57
CA GLU A 62 27.13 -8.10 3.06
C GLU A 62 26.85 -9.29 2.15
N LEU A 63 25.61 -9.40 1.67
CA LEU A 63 25.22 -10.55 0.86
C LEU A 63 25.59 -10.42 -0.59
N GLY A 64 26.13 -9.26 -0.98
CA GLY A 64 26.58 -9.02 -2.32
C GLY A 64 25.54 -8.50 -3.28
N PHE A 65 24.44 -7.93 -2.77
CA PHE A 65 23.44 -7.31 -3.65
C PHE A 65 24.05 -6.14 -4.42
N ARG A 66 23.46 -5.82 -5.56
CA ARG A 66 23.71 -4.55 -6.21
C ARG A 66 23.03 -3.43 -5.45
N CYS A 67 21.74 -3.57 -5.26
CA CYS A 67 20.95 -2.60 -4.47
C CYS A 67 21.25 -2.74 -2.99
N GLN A 68 21.59 -1.62 -2.34
CA GLN A 68 21.91 -1.63 -0.91
C GLN A 68 21.14 -0.55 -0.14
N VAL A 69 19.89 -0.40 -0.49
CA VAL A 69 18.99 0.55 0.16
C VAL A 69 17.63 -0.13 0.44
N HIS A 70 16.91 0.36 1.44
CA HIS A 70 15.60 -0.16 1.80
C HIS A 70 14.82 0.86 2.61
N GLY A 71 13.53 0.61 2.68
CA GLY A 71 12.61 1.42 3.50
C GLY A 71 12.07 0.60 4.66
N ALA A 72 12.72 0.73 5.81
CA ALA A 72 12.43 -0.09 6.98
C ALA A 72 11.60 0.66 8.01
N PRO A 73 10.47 0.07 8.43
CA PRO A 73 9.77 0.54 9.63
C PRO A 73 10.69 0.61 10.84
N ASP A 74 10.35 1.48 11.77
CA ASP A 74 11.04 1.60 13.06
C ASP A 74 9.97 1.55 14.12
N ILE A 75 9.66 0.35 14.57
CA ILE A 75 8.57 0.16 15.49
C ILE A 75 8.88 -1.07 16.34
N ASP A 76 8.54 -0.98 17.63
CA ASP A 76 8.83 -2.04 18.59
C ASP A 76 7.65 -2.99 18.67
N ILE A 77 7.70 -4.06 17.87
CA ILE A 77 6.63 -5.03 17.77
C ILE A 77 6.25 -5.66 19.10
N GLU A 78 7.27 -6.12 19.84
CA GLU A 78 7.05 -6.85 21.10
C GLU A 78 6.33 -6.01 22.14
N SER A 79 6.43 -4.69 22.03
CA SER A 79 5.72 -3.79 22.95
C SER A 79 4.25 -3.56 22.60
N LEU A 80 3.87 -3.98 21.39
CA LEU A 80 2.55 -3.70 20.85
C LEU A 80 1.70 -4.91 20.52
N VAL A 81 2.31 -6.09 20.45
CA VAL A 81 1.65 -7.36 20.16
C VAL A 81 2.22 -8.40 21.15
N ASP A 82 1.35 -9.07 21.89
CA ASP A 82 1.86 -9.92 22.96
C ASP A 82 2.34 -11.26 22.41
N ARG A 83 3.07 -11.97 23.25
CA ARG A 83 3.84 -13.14 22.82
C ARG A 83 2.91 -14.20 22.26
N ARG A 84 1.72 -14.39 22.83
CA ARG A 84 0.84 -15.44 22.34
C ARG A 84 0.28 -15.12 20.94
N ALA A 85 0.00 -13.87 20.65
CA ALA A 85 -0.43 -13.48 19.30
C ALA A 85 0.71 -13.71 18.33
N MET A 86 1.91 -13.40 18.81
CA MET A 86 3.05 -13.48 17.97
C MET A 86 3.40 -14.91 17.54
N ARG A 87 2.84 -15.90 18.25
CA ARG A 87 3.08 -17.29 17.97
C ARG A 87 2.93 -17.59 16.48
N PHE A 88 1.91 -17.01 15.86
CA PHE A 88 1.59 -17.31 14.44
C PHE A 88 1.89 -16.18 13.47
N HIS A 89 2.53 -15.13 13.95
CA HIS A 89 2.86 -13.97 13.09
C HIS A 89 4.24 -14.06 12.48
N GLY A 90 4.30 -13.79 11.18
CA GLY A 90 5.51 -13.28 10.56
C GLY A 90 5.63 -11.80 10.88
N ARG A 91 6.75 -11.18 10.52
CA ARG A 91 6.94 -9.77 10.84
C ARG A 91 5.94 -8.88 10.08
N GLY A 92 5.66 -9.24 8.84
CA GLY A 92 4.73 -8.46 8.03
C GLY A 92 3.35 -8.44 8.68
N THR A 93 2.85 -9.62 9.05
CA THR A 93 1.53 -9.74 9.66
C THR A 93 1.48 -9.14 11.07
N ALA A 94 2.60 -9.18 11.79
CA ALA A 94 2.69 -8.45 13.05
C ALA A 94 2.53 -6.93 12.84
N TRP A 95 3.21 -6.37 11.87
CA TRP A 95 2.97 -4.98 11.50
C TRP A 95 1.49 -4.77 11.11
N ASN A 96 0.91 -5.72 10.38
CA ASN A 96 -0.51 -5.65 10.02
C ASN A 96 -1.46 -5.65 11.26
N HIS A 97 -1.10 -6.42 12.26
CA HIS A 97 -1.84 -6.50 13.51
C HIS A 97 -1.84 -5.15 14.20
N ILE A 98 -0.66 -4.52 14.24
CA ILE A 98 -0.53 -3.18 14.81
C ILE A 98 -1.42 -2.19 14.08
N ALA A 99 -1.39 -2.22 12.75
CA ALA A 99 -2.17 -1.33 11.94
C ALA A 99 -3.67 -1.59 12.18
N MET A 100 -4.04 -2.85 12.36
CA MET A 100 -5.42 -3.20 12.67
C MET A 100 -5.86 -2.61 14.02
N ASP A 101 -5.03 -2.79 15.05
CA ASP A 101 -5.31 -2.18 16.33
C ASP A 101 -5.52 -0.66 16.18
N GLN A 102 -4.65 0.00 15.44
CA GLN A 102 -4.76 1.45 15.23
C GLN A 102 -6.10 1.80 14.57
N ALA A 103 -6.46 1.04 13.54
CA ALA A 103 -7.65 1.36 12.77
C ALA A 103 -8.90 1.18 13.60
N ILE A 104 -8.92 0.14 14.43
CA ILE A 104 -10.05 -0.12 15.35
C ILE A 104 -10.16 1.00 16.38
N ALA A 105 -9.03 1.40 16.96
CA ALA A 105 -9.04 2.52 17.87
C ALA A 105 -9.50 3.82 17.22
N ASP A 106 -8.98 4.10 16.03
CA ASP A 106 -9.34 5.29 15.28
C ASP A 106 -10.82 5.32 15.00
N ALA A 107 -11.37 4.18 14.60
CA ALA A 107 -12.77 4.10 14.27
C ALA A 107 -13.65 4.17 15.51
N GLY A 108 -13.08 3.85 16.68
CA GLY A 108 -13.82 3.82 17.94
C GLY A 108 -14.78 2.67 18.07
N LEU A 109 -14.46 1.54 17.44
CA LEU A 109 -15.34 0.38 17.44
C LEU A 109 -15.37 -0.33 18.78
N THR A 110 -16.54 -0.79 19.16
CA THR A 110 -16.64 -1.72 20.26
C THR A 110 -16.21 -3.11 19.86
N GLU A 111 -15.99 -3.98 20.85
CA GLU A 111 -15.65 -5.36 20.55
C GLU A 111 -16.76 -6.02 19.71
N GLU A 112 -18.00 -5.71 20.02
CA GLU A 112 -19.14 -6.22 19.29
C GLU A 112 -19.12 -5.81 17.82
N GLU A 113 -18.66 -4.59 17.55
CA GLU A 113 -18.62 -4.06 16.18
C GLU A 113 -17.49 -4.68 15.39
N VAL A 114 -16.46 -5.14 16.08
CA VAL A 114 -15.35 -5.82 15.41
C VAL A 114 -15.72 -7.26 15.07
N SER A 115 -16.41 -7.94 16.01
CA SER A 115 -16.67 -9.38 15.95
C SER A 115 -18.18 -9.71 15.79
N ASN A 116 -18.60 -9.86 14.54
CA ASN A 116 -20.00 -10.10 14.22
C ASN A 116 -20.15 -10.62 12.79
N GLU A 117 -21.30 -11.21 12.49
CA GLU A 117 -21.46 -11.87 11.18
C GLU A 117 -21.51 -10.88 10.02
N ARG A 118 -21.72 -9.58 10.32
CA ARG A 118 -21.81 -8.59 9.27
C ARG A 118 -20.50 -7.89 8.99
N THR A 119 -19.43 -8.34 9.65
CA THR A 119 -18.14 -7.67 9.61
C THR A 119 -17.05 -8.66 9.22
N GLY A 120 -16.33 -8.32 8.18
CA GLY A 120 -15.33 -9.22 7.60
C GLY A 120 -13.98 -8.60 7.41
N ILE A 121 -13.11 -9.34 6.73
CA ILE A 121 -11.71 -8.95 6.55
C ILE A 121 -11.19 -9.49 5.22
N ILE A 122 -10.63 -8.58 4.43
CA ILE A 122 -9.92 -8.93 3.20
C ILE A 122 -8.57 -8.24 3.29
N MET A 123 -7.53 -9.03 3.58
CA MET A 123 -6.22 -8.52 4.01
C MET A 123 -5.17 -9.38 3.34
N GLY A 124 -4.24 -8.77 2.63
CA GLY A 124 -3.31 -9.55 1.84
C GLY A 124 -1.88 -9.10 1.90
N SER A 125 -1.02 -9.90 1.31
CA SER A 125 0.38 -9.53 1.16
C SER A 125 0.87 -10.00 -0.21
N GLY A 126 1.91 -9.39 -0.70
CA GLY A 126 2.53 -9.75 -1.98
C GLY A 126 3.08 -11.18 -1.94
N GLY A 127 3.74 -11.51 -0.86
CA GLY A 127 4.19 -12.89 -0.55
C GLY A 127 3.92 -13.22 0.88
N PRO A 128 4.10 -14.49 1.24
CA PRO A 128 4.01 -14.82 2.66
C PRO A 128 5.32 -14.45 3.39
N SER A 129 5.55 -15.00 4.56
CA SER A 129 6.84 -14.84 5.22
C SER A 129 7.88 -15.72 4.56
N THR A 130 8.61 -15.16 3.61
CA THR A 130 9.68 -15.88 2.96
C THR A 130 10.75 -16.24 3.96
N ARG A 131 10.92 -15.43 4.99
CA ARG A 131 11.93 -15.78 6.00
CA ARG A 131 11.87 -15.70 6.09
C ARG A 131 11.54 -17.04 6.75
N THR A 132 10.26 -17.22 7.04
CA THR A 132 9.84 -18.45 7.72
C THR A 132 10.11 -19.66 6.85
N ILE A 133 9.82 -19.54 5.57
CA ILE A 133 10.05 -20.61 4.60
C ILE A 133 11.51 -21.01 4.54
N VAL A 134 12.39 -20.02 4.40
CA VAL A 134 13.83 -20.28 4.33
C VAL A 134 14.39 -20.82 5.65
N ASP A 135 14.04 -20.18 6.76
CA ASP A 135 14.52 -20.67 8.06
C ASP A 135 14.08 -22.14 8.31
N SER A 136 12.86 -22.46 7.91
CA SER A 136 12.32 -23.79 8.10
C SER A 136 13.08 -24.77 7.24
N ALA A 137 13.35 -24.41 5.97
CA ALA A 137 14.12 -25.32 5.14
C ALA A 137 15.53 -25.53 5.69
N ASP A 138 16.16 -24.45 6.12
CA ASP A 138 17.50 -24.52 6.70
C ASP A 138 17.51 -25.44 7.93
N ILE A 139 16.63 -25.20 8.87
CA ILE A 139 16.68 -25.98 10.11
C ILE A 139 16.32 -27.46 9.85
N THR A 140 15.46 -27.71 8.87
CA THR A 140 15.12 -29.10 8.51
C THR A 140 16.42 -29.84 8.15
N ARG A 141 17.24 -29.18 7.36
CA ARG A 141 18.44 -29.80 6.84
C ARG A 141 19.55 -29.86 7.90
N GLU A 142 19.62 -28.87 8.77
CA GLU A 142 20.68 -28.77 9.80
C GLU A 142 20.36 -29.63 11.05
N LYS A 143 19.11 -29.59 11.51
CA LYS A 143 18.72 -30.19 12.82
C LYS A 143 17.54 -31.15 12.78
N GLY A 144 16.77 -31.17 11.68
CA GLY A 144 15.71 -32.14 11.45
C GLY A 144 14.35 -31.46 11.37
N PRO A 145 13.37 -32.10 10.72
CA PRO A 145 12.03 -31.51 10.51
C PRO A 145 11.30 -31.05 11.77
N LYS A 146 11.40 -31.82 12.85
CA LYS A 146 10.73 -31.45 14.10
C LYS A 146 11.14 -30.06 14.55
N ARG A 147 12.37 -29.64 14.25
CA ARG A 147 12.91 -28.36 14.75
CA ARG A 147 12.91 -28.39 14.77
C ARG A 147 12.39 -27.16 13.96
N VAL A 148 11.60 -27.41 12.93
CA VAL A 148 10.84 -26.34 12.28
C VAL A 148 9.84 -25.73 13.25
N GLY A 149 9.42 -26.54 14.23
CA GLY A 149 8.40 -26.16 15.18
C GLY A 149 7.02 -26.26 14.57
N PRO A 150 5.99 -26.08 15.42
CA PRO A 150 4.61 -26.38 15.01
C PRO A 150 3.82 -25.19 14.55
N PHE A 151 4.45 -24.02 14.45
CA PHE A 151 3.70 -22.77 14.21
C PHE A 151 4.01 -22.11 12.86
N ALA A 152 4.63 -22.85 11.93
CA ALA A 152 5.14 -22.20 10.71
C ALA A 152 4.12 -22.04 9.61
N VAL A 153 3.11 -22.91 9.54
CA VAL A 153 2.19 -22.90 8.37
C VAL A 153 1.48 -21.58 8.21
N PRO A 154 0.87 -21.04 9.31
CA PRO A 154 0.11 -19.79 9.10
C PRO A 154 0.99 -18.59 8.69
N LYS A 155 2.29 -18.68 8.92
CA LYS A 155 3.24 -17.63 8.46
C LYS A 155 3.62 -17.79 6.99
N ALA A 156 3.69 -19.04 6.54
CA ALA A 156 4.21 -19.39 5.23
C ALA A 156 3.13 -19.40 4.15
N MET A 157 1.87 -19.47 4.56
CA MET A 157 0.78 -19.59 3.60
C MET A 157 0.42 -18.21 3.07
N SER A 158 -0.10 -18.14 1.86
CA SER A 158 -0.35 -16.86 1.21
C SER A 158 -1.45 -16.03 1.87
N SER A 159 -2.29 -16.70 2.65
CA SER A 159 -3.38 -16.06 3.37
C SER A 159 -3.01 -15.53 4.75
N THR A 160 -1.73 -15.54 5.07
CA THR A 160 -1.25 -15.25 6.40
C THR A 160 -1.88 -13.96 6.98
N ALA A 161 -1.98 -12.90 6.18
CA ALA A 161 -2.50 -11.59 6.72
C ALA A 161 -3.97 -11.67 7.16
N SER A 162 -4.79 -12.37 6.39
CA SER A 162 -6.19 -12.57 6.77
C SER A 162 -6.36 -13.63 7.85
N ALA A 163 -5.61 -14.72 7.73
CA ALA A 163 -5.76 -15.81 8.68
C ALA A 163 -5.45 -15.36 10.10
N THR A 164 -4.31 -14.69 10.27
CA THR A 164 -3.88 -14.27 11.59
C THR A 164 -4.83 -13.26 12.18
N LEU A 165 -5.15 -12.23 11.43
CA LEU A 165 -5.98 -11.15 11.96
C LEU A 165 -7.42 -11.61 12.17
N ALA A 166 -7.95 -12.43 11.26
CA ALA A 166 -9.34 -12.93 11.43
C ALA A 166 -9.43 -13.74 12.70
N THR A 167 -8.40 -14.52 13.00
CA THR A 167 -8.45 -15.36 14.19
C THR A 167 -8.29 -14.52 15.47
N PHE A 168 -7.30 -13.64 15.47
CA PHE A 168 -7.04 -12.87 16.70
C PHE A 168 -8.08 -11.84 17.00
N PHE A 169 -8.68 -11.23 15.98
CA PHE A 169 -9.74 -10.23 16.19
C PHE A 169 -11.14 -10.83 16.17
N LYS A 170 -11.22 -12.18 16.11
CA LYS A 170 -12.50 -12.90 16.20
C LYS A 170 -13.48 -12.48 15.11
N ILE A 171 -12.96 -12.29 13.92
CA ILE A 171 -13.80 -11.93 12.75
C ILE A 171 -14.71 -13.11 12.40
N LYS A 172 -16.00 -12.82 12.17
CA LYS A 172 -16.99 -13.84 11.89
C LYS A 172 -17.55 -13.84 10.45
N GLY A 173 -17.33 -12.77 9.70
CA GLY A 173 -17.90 -12.63 8.36
C GLY A 173 -16.93 -13.11 7.33
N ILE A 174 -16.77 -12.34 6.27
CA ILE A 174 -15.82 -12.70 5.20
C ILE A 174 -14.41 -12.79 5.78
N ASN A 175 -13.65 -13.79 5.31
CA ASN A 175 -12.24 -13.95 5.70
C ASN A 175 -11.45 -14.61 4.55
N TYR A 176 -10.73 -13.78 3.81
CA TYR A 176 -9.74 -14.25 2.87
C TYR A 176 -8.75 -13.14 2.47
N SER A 177 -7.76 -13.49 1.68
CA SER A 177 -6.76 -12.55 1.19
C SER A 177 -6.94 -12.44 -0.32
N ILE A 178 -6.78 -11.25 -0.86
CA ILE A 178 -6.49 -11.15 -2.30
C ILE A 178 -4.98 -10.99 -2.42
N SER A 179 -4.40 -11.65 -3.41
CA SER A 179 -2.99 -11.53 -3.78
C SER A 179 -2.94 -11.07 -5.24
N SER A 180 -2.23 -9.97 -5.48
CA SER A 180 -2.01 -9.46 -6.84
C SER A 180 -0.70 -8.67 -6.89
N ALA A 181 0.32 -9.26 -6.28
CA ALA A 181 1.65 -8.69 -6.29
C ALA A 181 1.56 -7.26 -5.78
N ALA A 183 -0.29 -4.82 -6.60
CA ALA A 183 -1.64 -4.29 -6.53
C ALA A 183 -2.43 -4.82 -5.34
N THR A 184 -1.84 -5.75 -4.58
CA THR A 184 -2.58 -6.54 -3.59
C THR A 184 -3.57 -5.74 -2.78
N SER A 185 -3.08 -4.75 -2.04
CA SER A 185 -3.95 -4.10 -1.05
C SER A 185 -4.93 -3.13 -1.67
N ASN A 186 -4.66 -2.69 -2.91
CA ASN A 186 -5.69 -1.99 -3.66
C ASN A 186 -6.86 -2.91 -4.00
N HIS A 187 -6.58 -4.10 -4.52
CA HIS A 187 -7.67 -5.07 -4.74
C HIS A 187 -8.39 -5.48 -3.46
N CYS A 188 -7.64 -5.63 -2.36
CA CYS A 188 -8.27 -5.98 -1.10
C CYS A 188 -9.33 -4.93 -0.74
N ILE A 189 -8.97 -3.66 -0.88
CA ILE A 189 -9.90 -2.56 -0.57
C ILE A 189 -11.07 -2.60 -1.54
N GLY A 190 -10.78 -2.74 -2.82
CA GLY A 190 -11.84 -2.76 -3.84
C GLY A 190 -12.85 -3.90 -3.63
N ASN A 191 -12.37 -5.10 -3.35
CA ASN A 191 -13.27 -6.22 -3.16
C ASN A 191 -14.06 -6.03 -1.87
N ALA A 192 -13.44 -5.46 -0.82
CA ALA A 192 -14.19 -5.18 0.40
C ALA A 192 -15.32 -4.15 0.15
N TYR A 193 -15.00 -3.14 -0.65
CA TYR A 193 -15.91 -2.14 -1.12
C TYR A 193 -17.10 -2.82 -1.80
N GLU A 194 -16.82 -3.74 -2.73
CA GLU A 194 -17.90 -4.46 -3.43
C GLU A 194 -18.79 -5.24 -2.46
N MET A 195 -18.16 -5.90 -1.46
CA MET A 195 -18.91 -6.71 -0.48
C MET A 195 -19.91 -5.86 0.23
N ILE A 196 -19.52 -4.64 0.56
CA ILE A 196 -20.46 -3.73 1.25
C ILE A 196 -21.49 -3.13 0.28
N GLN A 197 -21.06 -2.77 -0.92
CA GLN A 197 -21.98 -2.20 -1.92
C GLN A 197 -23.13 -3.14 -2.16
N TYR A 198 -22.78 -4.42 -2.27
CA TYR A 198 -23.76 -5.43 -2.65
C TYR A 198 -24.52 -6.03 -1.48
N GLY A 199 -24.27 -5.52 -0.27
CA GLY A 199 -25.08 -5.85 0.91
C GLY A 199 -24.70 -7.09 1.66
N LYS A 200 -23.56 -7.69 1.32
CA LYS A 200 -23.17 -8.93 1.93
C LYS A 200 -22.55 -8.72 3.30
N GLN A 201 -21.85 -7.61 3.46
CA GLN A 201 -21.24 -7.19 4.74
C GLN A 201 -21.54 -5.69 4.98
N ASP A 202 -21.58 -5.28 6.24
CA ASP A 202 -21.77 -3.86 6.60
C ASP A 202 -20.49 -3.16 7.01
N ARG A 203 -19.48 -3.93 7.42
CA ARG A 203 -18.17 -3.40 7.84
C ARG A 203 -17.10 -4.36 7.35
N MET A 204 -16.01 -3.80 6.90
CA MET A 204 -14.85 -4.61 6.46
C MET A 204 -13.57 -3.96 6.93
N PHE A 205 -12.62 -4.80 7.33
CA PHE A 205 -11.25 -4.40 7.51
C PHE A 205 -10.51 -4.80 6.27
N ALA A 206 -9.86 -3.84 5.62
CA ALA A 206 -9.21 -4.12 4.36
C ALA A 206 -7.84 -3.49 4.30
N GLY A 207 -6.92 -4.14 3.61
CA GLY A 207 -5.58 -3.61 3.46
C GLY A 207 -4.58 -4.72 3.25
N GLY A 208 -3.39 -4.55 3.81
CA GLY A 208 -2.39 -5.56 3.66
C GLY A 208 -1.06 -5.18 4.23
N CYS A 209 -0.06 -6.02 3.95
CA CYS A 209 1.22 -5.91 4.56
C CYS A 209 2.30 -6.55 3.72
N GLU A 210 3.52 -6.33 4.14
CA GLU A 210 4.67 -7.05 3.58
C GLU A 210 5.80 -7.03 4.58
N ASP A 211 6.44 -8.19 4.81
CA ASP A 211 7.72 -8.20 5.57
C ASP A 211 8.76 -7.57 4.69
N LEU A 212 9.84 -7.11 5.31
CA LEU A 212 11.01 -6.63 4.63
C LEU A 212 12.13 -7.60 5.00
N ASP A 213 12.64 -8.37 4.03
CA ASP A 213 13.59 -9.43 4.36
C ASP A 213 14.42 -9.74 3.13
N TRP A 214 15.70 -10.04 3.35
CA TRP A 214 16.59 -10.31 2.22
C TRP A 214 16.12 -11.46 1.35
N THR A 215 15.42 -12.42 1.95
CA THR A 215 14.95 -13.60 1.21
C THR A 215 13.88 -13.26 0.14
N LEU A 216 13.19 -12.14 0.32
CA LEU A 216 12.32 -11.60 -0.72
C LEU A 216 13.07 -10.59 -1.60
N SER A 217 13.79 -9.67 -0.96
CA SER A 217 14.43 -8.59 -1.67
C SER A 217 15.41 -9.14 -2.68
N VAL A 218 16.10 -10.23 -2.35
CA VAL A 218 17.11 -10.75 -3.33
C VAL A 218 16.46 -11.15 -4.68
N LEU A 219 15.19 -11.57 -4.65
CA LEU A 219 14.53 -11.99 -5.88
C LEU A 219 14.40 -10.80 -6.85
N PHE A 220 14.18 -9.62 -6.31
CA PHE A 220 14.14 -8.40 -7.08
C PHE A 220 15.54 -7.89 -7.45
N ASP A 221 16.51 -8.04 -6.57
CA ASP A 221 17.86 -7.60 -6.91
C ASP A 221 18.37 -8.43 -8.11
N ALA A 222 18.07 -9.73 -8.11
CA ALA A 222 18.58 -10.62 -9.15
C ALA A 222 18.02 -10.25 -10.51
N MET A 223 16.85 -9.62 -10.52
CA MET A 223 16.29 -9.22 -11.79
C MET A 223 16.69 -7.79 -12.18
N GLY A 224 17.41 -7.12 -11.32
CA GLY A 224 17.93 -5.76 -11.58
C GLY A 224 16.84 -4.71 -11.45
N ALA A 225 15.82 -5.02 -10.65
CA ALA A 225 14.63 -4.17 -10.51
C ALA A 225 14.79 -3.03 -9.50
N MET A 226 15.78 -3.15 -8.63
CA MET A 226 15.94 -2.18 -7.53
C MET A 226 17.13 -1.27 -7.73
N SER A 227 16.97 -0.06 -7.20
CA SER A 227 17.97 1.01 -7.32
C SER A 227 19.32 0.60 -6.77
N SER A 228 20.39 0.90 -7.52
CA SER A 228 21.77 0.68 -7.04
C SER A 228 22.71 1.86 -7.26
N LYS A 229 22.33 2.84 -8.10
CA LYS A 229 23.24 3.96 -8.40
C LYS A 229 23.35 4.98 -7.24
N TYR A 230 22.43 4.90 -6.28
CA TYR A 230 22.33 5.86 -5.20
C TYR A 230 22.68 5.26 -3.86
N ASN A 231 23.45 4.18 -3.86
CA ASN A 231 23.74 3.51 -2.58
C ASN A 231 24.49 4.45 -1.62
N ASP A 232 25.27 5.40 -2.19
CA ASP A 232 26.04 6.31 -1.39
CA ASP A 232 26.04 6.36 -1.42
C ASP A 232 25.20 7.49 -0.88
N THR A 233 24.00 7.68 -1.45
CA THR A 233 23.03 8.67 -0.95
C THR A 233 21.66 8.00 -0.81
N PRO A 234 21.53 7.08 0.18
CA PRO A 234 20.33 6.26 0.21
C PRO A 234 19.01 7.01 0.28
N SER A 235 18.96 8.13 0.98
CA SER A 235 17.70 8.84 1.19
C SER A 235 17.06 9.28 -0.12
N THR A 236 17.85 9.47 -1.16
CA THR A 236 17.31 9.96 -2.43
C THR A 236 17.25 8.90 -3.54
N ALA A 237 17.45 7.63 -3.18
CA ALA A 237 17.45 6.54 -4.16
C ALA A 237 16.14 6.31 -4.90
N SER A 238 15.01 6.52 -4.20
CA SER A 238 13.70 6.43 -4.81
C SER A 238 13.29 7.80 -5.35
N ARG A 239 13.09 7.89 -6.65
CA ARG A 239 13.00 9.19 -7.32
C ARG A 239 12.18 9.10 -8.58
N ALA A 240 10.92 8.72 -8.40
CA ALA A 240 9.99 8.63 -9.52
C ALA A 240 10.03 9.91 -10.36
N TYR A 241 10.07 9.70 -11.68
CA TYR A 241 10.03 10.76 -12.68
C TYR A 241 11.37 11.43 -12.88
N ASP A 242 12.36 11.16 -12.04
CA ASP A 242 13.70 11.73 -12.27
C ASP A 242 14.31 11.06 -13.49
N LYS A 243 15.04 11.85 -14.30
CA LYS A 243 15.70 11.35 -15.52
C LYS A 243 16.65 10.19 -15.25
N ASN A 244 17.23 10.17 -14.05
CA ASN A 244 18.23 9.18 -13.74
C ASN A 244 17.75 8.11 -12.72
N ARG A 245 16.45 7.99 -12.55
CA ARG A 245 15.90 6.86 -11.77
C ARG A 245 16.45 5.53 -12.30
N ASP A 246 16.61 4.56 -11.43
CA ASP A 246 17.25 3.31 -11.83
C ASP A 246 16.72 2.10 -11.08
N GLY A 247 15.47 2.14 -10.66
CA GLY A 247 14.86 1.02 -10.00
C GLY A 247 14.12 1.43 -8.75
N PHE A 248 13.23 0.55 -8.30
CA PHE A 248 12.52 0.83 -7.10
C PHE A 248 13.35 0.57 -5.86
N VAL A 249 12.89 1.08 -4.73
CA VAL A 249 13.49 0.82 -3.44
C VAL A 249 12.50 0.06 -2.57
N ILE A 250 12.87 -1.15 -2.17
CA ILE A 250 11.92 -2.03 -1.46
C ILE A 250 11.73 -1.60 -0.01
N ALA A 251 10.54 -1.90 0.51
CA ALA A 251 10.11 -1.46 1.83
C ALA A 251 9.19 -2.53 2.43
N GLY A 252 8.97 -2.46 3.74
CA GLY A 252 8.00 -3.30 4.43
C GLY A 252 7.05 -2.43 5.20
N GLY A 253 5.95 -3.02 5.61
CA GLY A 253 5.01 -2.35 6.47
C GLY A 253 3.60 -2.90 6.32
N ALA A 254 2.62 -2.10 6.69
CA ALA A 254 1.23 -2.51 6.64
C ALA A 254 0.30 -1.32 6.65
N GLY A 255 -0.95 -1.55 6.24
CA GLY A 255 -1.99 -0.56 6.37
C GLY A 255 -3.37 -1.22 6.47
N VAL A 256 -4.29 -0.56 7.19
CA VAL A 256 -5.67 -1.04 7.33
C VAL A 256 -6.65 0.10 7.24
N LEU A 257 -7.71 -0.08 6.44
CA LEU A 257 -8.87 0.79 6.47
C LEU A 257 -10.06 0.07 7.08
N VAL A 258 -10.86 0.79 7.84
CA VAL A 258 -12.15 0.33 8.24
C VAL A 258 -13.15 0.93 7.25
N LEU A 259 -13.88 0.05 6.59
CA LEU A 259 -14.94 0.42 5.66
C LEU A 259 -16.30 0.06 6.22
N GLU A 260 -17.27 0.95 6.02
CA GLU A 260 -18.66 0.72 6.47
CA GLU A 260 -18.65 0.74 6.50
C GLU A 260 -19.64 1.24 5.46
N ASP A 261 -20.81 0.60 5.39
CA ASP A 261 -21.89 1.19 4.61
C ASP A 261 -22.27 2.53 5.26
N LEU A 262 -22.66 3.48 4.44
CA LEU A 262 -22.91 4.83 4.92
C LEU A 262 -23.88 4.91 6.10
N GLU A 263 -25.01 4.22 6.03
CA GLU A 263 -26.02 4.29 7.12
C GLU A 263 -25.44 3.76 8.44
N THR A 264 -24.69 2.67 8.37
CA THR A 264 -24.03 2.12 9.57
C THR A 264 -23.06 3.16 10.20
N ALA A 265 -22.27 3.81 9.35
CA ALA A 265 -21.34 4.83 9.80
C ALA A 265 -22.08 6.03 10.45
N LEU A 266 -23.08 6.56 9.75
CA LEU A 266 -23.82 7.70 10.27
C LEU A 266 -24.48 7.40 11.59
N ALA A 267 -25.04 6.20 11.69
CA ALA A 267 -25.85 5.83 12.85
C ALA A 267 -25.07 5.74 14.11
N ARG A 268 -23.79 5.44 13.99
CA ARG A 268 -22.93 5.35 15.17
C ARG A 268 -22.03 6.56 15.38
N GLY A 269 -22.22 7.63 14.60
CA GLY A 269 -21.45 8.85 14.73
C GLY A 269 -20.00 8.67 14.37
N ALA A 270 -19.79 7.92 13.33
CA ALA A 270 -18.41 7.64 12.82
C ALA A 270 -17.76 8.89 12.31
N LYS A 271 -16.44 8.93 12.45
CA LYS A 271 -15.61 9.83 11.65
C LYS A 271 -15.60 9.29 10.22
N ILE A 272 -15.79 10.16 9.24
CA ILE A 272 -15.70 9.74 7.86
C ILE A 272 -14.50 10.42 7.19
N TYR A 273 -13.48 9.62 6.90
CA TYR A 273 -12.28 10.10 6.23
C TYR A 273 -12.51 10.34 4.75
N GLY A 274 -13.44 9.60 4.17
CA GLY A 274 -13.79 9.74 2.78
C GLY A 274 -14.73 8.64 2.35
N GLU A 275 -15.27 8.80 1.16
CA GLU A 275 -16.18 7.81 0.57
C GLU A 275 -15.45 7.13 -0.58
N ILE A 276 -15.51 5.80 -0.66
CA ILE A 276 -15.05 5.13 -1.87
C ILE A 276 -16.09 5.30 -2.97
N VAL A 277 -15.69 5.93 -4.08
CA VAL A 277 -16.60 6.22 -5.16
C VAL A 277 -16.27 5.59 -6.50
N GLY A 278 -15.10 4.94 -6.59
CA GLY A 278 -14.79 4.13 -7.76
C GLY A 278 -13.72 3.15 -7.52
N TYR A 279 -13.76 2.07 -8.31
CA TYR A 279 -12.80 0.99 -8.25
C TYR A 279 -12.71 0.37 -9.61
N GLY A 280 -11.47 0.25 -10.11
CA GLY A 280 -11.22 -0.47 -11.34
C GLY A 280 -10.22 -1.60 -11.12
N ALA A 281 -10.41 -2.66 -11.90
CA ALA A 281 -9.52 -3.81 -11.87
C ALA A 281 -9.47 -4.40 -13.26
N THR A 282 -8.28 -4.46 -13.83
CA THR A 282 -8.10 -4.99 -15.17
C THR A 282 -6.81 -5.79 -15.28
N SER A 283 -6.55 -6.28 -16.49
CA SER A 283 -5.43 -7.16 -16.74
C SER A 283 -4.82 -6.77 -18.07
N ASP A 284 -3.49 -6.73 -18.15
CA ASP A 284 -2.80 -6.35 -19.37
C ASP A 284 -2.82 -7.48 -20.40
N GLY A 285 -2.58 -8.71 -19.96
CA GLY A 285 -2.45 -9.85 -20.84
C GLY A 285 -1.30 -9.68 -21.80
N TYR A 286 -0.17 -9.19 -21.29
CA TYR A 286 0.92 -8.71 -22.14
C TYR A 286 2.29 -9.27 -21.70
N ASP A 287 2.89 -8.66 -20.69
CA ASP A 287 4.23 -9.04 -20.24
C ASP A 287 4.24 -9.34 -18.73
N MET A 288 5.02 -10.35 -18.32
CA MET A 288 5.06 -10.75 -16.92
C MET A 288 5.55 -9.68 -15.99
N VAL A 289 6.52 -8.89 -16.43
CA VAL A 289 7.22 -8.05 -15.47
C VAL A 289 7.33 -6.61 -15.93
N ALA A 290 6.55 -6.22 -16.93
CA ALA A 290 6.49 -4.84 -17.42
C ALA A 290 5.04 -4.52 -17.78
N PRO A 291 4.60 -3.26 -17.61
CA PRO A 291 3.22 -2.89 -17.91
C PRO A 291 2.99 -2.56 -19.36
N SER A 292 1.77 -2.76 -19.84
CA SER A 292 1.42 -2.42 -21.22
C SER A 292 1.00 -0.97 -21.39
N GLY A 293 0.49 -0.35 -20.33
CA GLY A 293 -0.09 0.98 -20.46
C GLY A 293 -1.57 0.94 -20.76
N GLU A 294 -1.99 0.16 -21.75
CA GLU A 294 -3.38 0.19 -22.16
C GLU A 294 -4.25 -0.45 -21.09
N GLY A 295 -3.70 -1.40 -20.31
CA GLY A 295 -4.45 -1.97 -19.22
C GLY A 295 -4.78 -0.92 -18.16
N ALA A 296 -3.80 -0.07 -17.87
CA ALA A 296 -3.94 1.02 -16.90
C ALA A 296 -5.01 2.04 -17.31
N ILE A 297 -5.08 2.33 -18.61
CA ILE A 297 -6.09 3.22 -19.11
C ILE A 297 -7.45 2.63 -18.81
N ARG A 298 -7.63 1.36 -19.12
CA ARG A 298 -8.93 0.75 -18.96
C ARG A 298 -9.30 0.69 -17.48
N CYS A 299 -8.29 0.47 -16.65
CA CYS A 299 -8.48 0.43 -15.18
C CYS A 299 -8.92 1.75 -14.61
N MET A 300 -8.23 2.83 -14.97
CA MET A 300 -8.62 4.14 -14.52
C MET A 300 -10.01 4.54 -15.06
N LYS A 301 -10.31 4.24 -16.32
CA LYS A 301 -11.64 4.56 -16.87
C LYS A 301 -12.73 3.86 -16.09
N MET A 302 -12.49 2.60 -15.71
CA MET A 302 -13.46 1.84 -14.97
C MET A 302 -13.66 2.46 -13.58
N ALA A 303 -12.58 2.88 -12.93
CA ALA A 303 -12.73 3.51 -11.61
C ALA A 303 -13.48 4.85 -11.71
N LEU A 304 -13.26 5.56 -12.81
CA LEU A 304 -13.82 6.90 -13.00
C LEU A 304 -15.24 6.87 -13.52
N SER A 305 -15.70 5.70 -13.95
CA SER A 305 -16.97 5.60 -14.65
C SER A 305 -18.11 5.94 -13.70
N THR A 306 -17.86 5.77 -12.40
CA THR A 306 -18.85 6.02 -11.34
C THR A 306 -18.54 7.30 -10.54
N VAL A 307 -17.64 8.14 -11.05
CA VAL A 307 -17.21 9.35 -10.35
C VAL A 307 -17.75 10.58 -11.06
N THR A 308 -18.35 11.48 -10.29
N THR A 308 -18.38 11.48 -10.33
CA THR A 308 -19.05 12.63 -10.83
CA THR A 308 -18.99 12.65 -10.94
C THR A 308 -18.44 13.99 -10.43
C THR A 308 -18.03 13.86 -10.98
N SER A 309 -17.19 13.99 -9.97
CA SER A 309 -16.42 15.22 -9.76
C SER A 309 -15.06 15.07 -10.38
N LYS A 310 -14.39 16.21 -10.60
CA LYS A 310 -13.03 16.20 -11.14
C LYS A 310 -12.06 15.60 -10.12
N ILE A 311 -10.97 15.04 -10.62
CA ILE A 311 -9.92 14.52 -9.74
C ILE A 311 -9.02 15.68 -9.34
N ASP A 312 -8.76 15.81 -8.04
CA ASP A 312 -7.93 16.91 -7.56
C ASP A 312 -6.49 16.52 -7.29
N TYR A 313 -6.23 15.21 -7.19
CA TYR A 313 -4.88 14.67 -6.91
C TYR A 313 -4.80 13.22 -7.37
N ILE A 314 -3.70 12.91 -8.05
CA ILE A 314 -3.36 11.52 -8.44
C ILE A 314 -2.17 11.01 -7.67
N ASN A 315 -2.37 9.92 -6.91
CA ASN A 315 -1.30 9.18 -6.29
C ASN A 315 -0.99 8.01 -7.26
N PRO A 316 0.09 8.14 -8.03
CA PRO A 316 0.37 7.16 -9.06
C PRO A 316 0.93 5.89 -8.46
N HIS A 317 1.04 4.84 -9.26
CA HIS A 317 1.83 3.70 -8.83
C HIS A 317 3.31 4.02 -8.81
N ALA A 318 3.75 4.84 -9.77
CA ALA A 318 5.13 5.23 -10.02
C ALA A 318 6.15 4.74 -8.99
N THR A 319 6.97 3.78 -9.38
CA THR A 319 7.87 3.10 -8.45
C THR A 319 9.33 3.53 -8.61
N SER A 320 9.63 4.36 -9.59
CA SER A 320 11.03 4.81 -9.85
C SER A 320 11.80 3.83 -10.71
N THR A 321 11.11 2.95 -11.41
CA THR A 321 11.79 2.12 -12.41
C THR A 321 11.92 2.85 -13.72
N PRO A 322 12.95 2.51 -14.50
CA PRO A 322 13.08 3.20 -15.77
C PRO A 322 11.90 2.96 -16.72
N ALA A 323 11.42 1.72 -16.78
CA ALA A 323 10.39 1.34 -17.75
C ALA A 323 8.97 1.38 -17.18
N GLY A 324 8.84 1.58 -15.87
CA GLY A 324 7.53 1.62 -15.29
C GLY A 324 6.85 2.96 -15.26
N ASP A 325 7.60 4.02 -14.99
CA ASP A 325 6.93 5.28 -14.66
C ASP A 325 6.23 5.84 -15.92
N ALA A 326 6.87 5.68 -17.10
CA ALA A 326 6.38 6.31 -18.33
C ALA A 326 5.06 5.80 -18.87
N PRO A 327 4.84 4.46 -18.91
CA PRO A 327 3.54 4.05 -19.46
C PRO A 327 2.35 4.51 -18.65
N GLU A 328 2.53 4.62 -17.35
CA GLU A 328 1.47 5.16 -16.51
C GLU A 328 1.21 6.65 -16.81
N ILE A 329 2.28 7.45 -16.95
CA ILE A 329 2.10 8.84 -17.30
C ILE A 329 1.34 8.95 -18.64
N GLU A 330 1.64 8.08 -19.58
CA GLU A 330 0.97 8.14 -20.88
C GLU A 330 -0.51 7.81 -20.72
N ALA A 331 -0.81 6.83 -19.87
CA ALA A 331 -2.19 6.50 -19.61
C ALA A 331 -2.93 7.66 -18.97
N ILE A 332 -2.28 8.35 -18.04
CA ILE A 332 -2.83 9.54 -17.43
C ILE A 332 -3.07 10.63 -18.48
N ARG A 333 -2.09 10.85 -19.36
CA ARG A 333 -2.24 11.80 -20.45
C ARG A 333 -3.50 11.50 -21.28
N GLN A 334 -3.71 10.24 -21.60
CA GLN A 334 -4.85 9.82 -22.45
C GLN A 334 -6.19 10.08 -21.77
N ILE A 335 -6.24 9.93 -20.47
CA ILE A 335 -7.47 10.18 -19.73
C ILE A 335 -7.66 11.66 -19.40
N PHE A 336 -6.61 12.28 -18.89
CA PHE A 336 -6.74 13.60 -18.26
C PHE A 336 -6.22 14.76 -19.09
N GLY A 337 -5.39 14.49 -20.10
CA GLY A 337 -4.67 15.57 -20.80
C GLY A 337 -3.37 15.97 -20.10
N ALA A 338 -2.78 17.09 -20.52
CA ALA A 338 -1.48 17.52 -20.02
C ALA A 338 -1.58 18.88 -19.37
N GLY A 339 -0.51 19.29 -18.69
CA GLY A 339 -0.42 20.65 -18.13
C GLY A 339 -1.48 20.91 -17.06
N ASP A 340 -1.92 22.17 -16.98
CA ASP A 340 -2.85 22.63 -15.90
C ASP A 340 -4.20 21.88 -15.82
N VAL A 341 -4.68 21.36 -16.94
CA VAL A 341 -5.96 20.62 -17.00
C VAL A 341 -5.84 19.25 -16.33
N CYS A 342 -4.64 18.66 -16.35
CA CYS A 342 -4.38 17.41 -15.64
C CYS A 342 -4.30 17.61 -14.11
N PRO A 343 -4.82 16.66 -13.33
CA PRO A 343 -4.64 16.77 -11.88
C PRO A 343 -3.17 16.71 -11.48
N PRO A 344 -2.79 17.39 -10.37
CA PRO A 344 -1.45 17.28 -9.83
C PRO A 344 -1.11 15.82 -9.55
N ILE A 345 0.13 15.44 -9.85
CA ILE A 345 0.64 14.11 -9.65
C ILE A 345 1.82 14.14 -8.66
N ALA A 346 1.76 13.34 -7.61
CA ALA A 346 2.90 13.24 -6.70
C ALA A 346 3.11 11.81 -6.25
N ALA A 347 4.28 11.30 -6.54
CA ALA A 347 4.68 9.93 -6.29
C ALA A 347 5.23 9.79 -4.86
N THR A 348 4.41 9.20 -3.99
CA THR A 348 4.79 9.05 -2.58
C THR A 348 5.87 8.01 -2.41
N LYS A 349 6.04 7.12 -3.40
CA LYS A 349 7.10 6.09 -3.27
C LYS A 349 8.50 6.70 -3.26
N SER A 350 8.65 7.90 -3.75
CA SER A 350 9.93 8.59 -3.67
C SER A 350 10.36 8.80 -2.21
N LEU A 351 9.39 8.98 -1.33
CA LEU A 351 9.66 9.07 0.12
C LEU A 351 9.64 7.72 0.82
N THR A 352 8.71 6.85 0.41
CA THR A 352 8.40 5.64 1.19
C THR A 352 9.07 4.36 0.73
N GLY A 353 9.57 4.37 -0.50
CA GLY A 353 9.91 3.14 -1.15
C GLY A 353 8.66 2.36 -1.47
N HIS A 354 8.88 1.09 -1.77
CA HIS A 354 7.86 0.26 -2.37
C HIS A 354 7.59 -0.93 -1.46
N SER A 355 6.51 -0.86 -0.68
CA SER A 355 6.15 -1.94 0.26
C SER A 355 5.30 -3.05 -0.33
N LEU A 356 5.33 -3.20 -1.66
CA LEU A 356 4.78 -4.35 -2.35
C LEU A 356 3.29 -4.51 -2.02
N GLY A 357 2.94 -5.60 -1.36
CA GLY A 357 1.57 -5.86 -0.89
C GLY A 357 0.92 -4.74 -0.10
N ALA A 358 1.73 -4.01 0.66
CA ALA A 358 1.19 -2.96 1.53
C ALA A 358 1.01 -1.63 0.84
N THR A 359 1.49 -1.50 -0.39
CA THR A 359 1.60 -0.15 -0.93
C THR A 359 0.24 0.48 -1.30
N GLY A 360 -0.70 -0.32 -1.78
CA GLY A 360 -2.00 0.23 -2.17
C GLY A 360 -2.71 0.87 -0.97
N VAL A 361 -2.85 0.12 0.12
CA VAL A 361 -3.53 0.66 1.27
C VAL A 361 -2.74 1.85 1.88
N GLN A 362 -1.42 1.75 1.94
CA GLN A 362 -0.66 2.88 2.49
C GLN A 362 -0.86 4.14 1.66
N GLU A 363 -0.90 3.99 0.35
CA GLU A 363 -1.16 5.12 -0.55
C GLU A 363 -2.58 5.67 -0.44
N ALA A 364 -3.56 4.82 -0.16
CA ALA A 364 -4.88 5.29 0.14
C ALA A 364 -4.85 6.16 1.41
N ILE A 365 -4.11 5.70 2.41
CA ILE A 365 -4.02 6.43 3.69
C ILE A 365 -3.29 7.75 3.46
N TYR A 366 -2.17 7.72 2.76
CA TYR A 366 -1.43 9.01 2.42
C TYR A 366 -2.37 10.02 1.74
N SER A 367 -3.10 9.53 0.74
CA SER A 367 -4.05 10.38 0.02
C SER A 367 -5.18 10.94 0.90
N LEU A 368 -5.75 10.10 1.77
CA LEU A 368 -6.80 10.52 2.68
C LEU A 368 -6.23 11.50 3.73
N LEU A 369 -4.97 11.33 4.13
CA LEU A 369 -4.35 12.28 5.10
C LEU A 369 -4.05 13.60 4.45
N MET A 370 -3.62 13.58 3.18
CA MET A 370 -3.42 14.81 2.42
C MET A 370 -4.74 15.55 2.25
N MET A 371 -5.80 14.81 1.95
CA MET A 371 -7.16 15.39 1.84
CA MET A 371 -7.12 15.44 1.83
C MET A 371 -7.54 16.04 3.18
N GLN A 372 -7.29 15.34 4.27
CA GLN A 372 -7.65 15.84 5.59
C GLN A 372 -6.90 17.14 5.94
N ASN A 373 -5.67 17.23 5.49
CA ASN A 373 -4.72 18.28 5.95
C ASN A 373 -4.51 19.38 4.89
N ASN A 374 -5.27 19.30 3.78
CA ASN A 374 -5.26 20.33 2.76
C ASN A 374 -3.89 20.63 2.16
N PHE A 375 -3.12 19.59 1.87
CA PHE A 375 -1.87 19.79 1.12
C PHE A 375 -1.59 18.60 0.19
N ILE A 376 -0.81 18.87 -0.86
CA ILE A 376 -0.29 17.79 -1.72
C ILE A 376 1.21 17.80 -1.58
N CYS A 377 1.76 16.66 -1.18
CA CYS A 377 3.18 16.54 -1.00
C CYS A 377 3.99 16.71 -2.28
N GLU A 378 5.24 17.12 -2.10
CA GLU A 378 6.24 17.14 -3.17
C GLU A 378 6.38 15.71 -3.72
N SER A 379 6.60 15.60 -5.02
CA SER A 379 7.03 14.34 -5.62
C SER A 379 8.54 14.36 -5.48
N ALA A 380 9.04 13.66 -4.48
CA ALA A 380 10.38 13.92 -3.96
C ALA A 380 11.51 13.41 -4.84
N HIS A 381 12.69 13.97 -4.59
CA HIS A 381 13.95 13.52 -5.15
C HIS A 381 14.09 13.66 -6.66
N ILE A 382 13.33 14.59 -7.24
CA ILE A 382 13.49 14.91 -8.64
C ILE A 382 14.53 16.00 -8.72
N GLU A 383 15.73 15.59 -9.08
CA GLU A 383 16.87 16.47 -9.25
C GLU A 383 16.92 16.94 -10.69
N GLU A 384 16.52 16.07 -11.62
CA GLU A 384 16.36 16.42 -13.02
C GLU A 384 15.14 15.69 -13.58
N LEU A 385 14.08 16.43 -13.91
CA LEU A 385 12.89 15.83 -14.44
C LEU A 385 13.21 15.15 -15.74
N ASP A 386 12.73 13.94 -15.90
CA ASP A 386 12.82 13.27 -17.20
C ASP A 386 12.06 14.15 -18.20
N PRO A 387 12.70 14.57 -19.31
CA PRO A 387 12.00 15.46 -20.24
C PRO A 387 10.73 14.88 -20.85
N ALA A 388 10.61 13.55 -20.86
CA ALA A 388 9.41 12.91 -21.38
C ALA A 388 8.18 13.28 -20.56
N PHE A 389 8.40 13.80 -19.35
CA PHE A 389 7.31 14.18 -18.46
C PHE A 389 7.16 15.68 -18.25
N ALA A 390 7.91 16.48 -19.01
CA ALA A 390 7.93 17.93 -18.80
C ALA A 390 6.58 18.62 -19.02
N ASP A 391 5.66 17.94 -19.69
CA ASP A 391 4.35 18.50 -20.00
C ASP A 391 3.30 18.20 -18.90
N MET A 392 3.71 17.48 -17.85
CA MET A 392 2.78 16.95 -16.85
C MET A 392 2.95 17.66 -15.50
N PRO A 393 1.85 17.79 -14.74
CA PRO A 393 1.89 18.56 -13.49
C PRO A 393 2.38 17.73 -12.30
N ILE A 394 3.60 17.24 -12.43
CA ILE A 394 4.27 16.54 -11.36
C ILE A 394 4.71 17.56 -10.31
N VAL A 395 4.29 17.35 -9.08
CA VAL A 395 4.46 18.33 -8.02
C VAL A 395 5.91 18.44 -7.60
N ARG A 396 6.50 19.62 -7.77
CA ARG A 396 7.94 19.82 -7.50
C ARG A 396 8.19 20.47 -6.13
N LYS A 397 7.13 21.00 -5.54
CA LYS A 397 7.17 21.66 -4.25
C LYS A 397 5.80 21.47 -3.62
N ARG A 398 5.76 21.17 -2.33
CA ARG A 398 4.50 20.95 -1.65
C ARG A 398 3.51 22.08 -1.97
N ILE A 399 2.26 21.69 -2.22
CA ILE A 399 1.19 22.63 -2.46
C ILE A 399 0.33 22.73 -1.21
N ASP A 400 0.23 23.94 -0.67
CA ASP A 400 -0.52 24.17 0.56
C ASP A 400 -1.86 24.79 0.30
N ASN A 401 -2.71 24.75 1.32
CA ASN A 401 -4.01 25.37 1.31
C ASN A 401 -4.82 24.97 0.08
N VAL A 402 -4.81 23.68 -0.21
CA VAL A 402 -5.54 23.17 -1.36
C VAL A 402 -6.73 22.33 -0.84
N GLN A 403 -7.87 22.48 -1.50
CA GLN A 403 -9.08 21.77 -1.13
C GLN A 403 -9.16 20.54 -2.00
N LEU A 404 -8.78 19.41 -1.44
CA LEU A 404 -8.88 18.17 -2.19
C LEU A 404 -10.22 17.59 -1.85
N ASN A 405 -11.02 17.33 -2.87
CA ASN A 405 -12.31 16.68 -2.68
C ASN A 405 -12.33 15.29 -3.25
N THR A 406 -11.53 15.03 -4.29
CA THR A 406 -11.56 13.71 -4.92
C THR A 406 -10.15 13.34 -5.31
N VAL A 407 -9.72 12.14 -4.93
CA VAL A 407 -8.37 11.71 -5.18
C VAL A 407 -8.37 10.30 -5.79
N LEU A 408 -7.43 10.05 -6.66
CA LEU A 408 -7.31 8.78 -7.36
C LEU A 408 -5.94 8.14 -7.07
N SER A 409 -5.94 6.83 -6.84
CA SER A 409 -4.69 6.12 -6.58
C SER A 409 -4.63 4.84 -7.38
N ASN A 410 -3.53 4.70 -8.16
CA ASN A 410 -3.25 3.46 -8.88
C ASN A 410 -2.27 2.54 -8.14
N SER A 411 -2.41 1.24 -8.36
CA SER A 411 -1.38 0.25 -8.04
C SER A 411 -1.39 -0.77 -9.12
N PHE A 412 -0.23 -1.18 -9.55
CA PHE A 412 -0.09 -2.24 -10.50
C PHE A 412 0.86 -3.32 -9.99
N GLY A 413 0.83 -4.46 -10.64
CA GLY A 413 1.64 -5.56 -10.24
C GLY A 413 2.15 -6.38 -11.38
N PHE A 414 3.22 -7.14 -11.12
CA PHE A 414 3.68 -8.12 -12.08
C PHE A 414 2.52 -9.01 -12.48
N GLY A 415 2.62 -9.62 -13.65
CA GLY A 415 1.48 -10.39 -14.18
C GLY A 415 0.41 -9.52 -14.78
N GLY A 416 0.73 -8.25 -15.02
CA GLY A 416 -0.18 -7.38 -15.71
C GLY A 416 -1.45 -7.07 -14.94
N THR A 417 -1.36 -7.01 -13.61
CA THR A 417 -2.53 -6.80 -12.81
C THR A 417 -2.66 -5.32 -12.40
N ASN A 418 -3.86 -4.74 -12.58
CA ASN A 418 -4.11 -3.32 -12.36
C ASN A 418 -5.28 -3.10 -11.42
N ALA A 419 -5.11 -2.16 -10.50
CA ALA A 419 -6.19 -1.73 -9.59
C ALA A 419 -6.11 -0.24 -9.36
N THR A 420 -7.27 0.42 -9.43
CA THR A 420 -7.39 1.83 -9.16
C THR A 420 -8.55 2.08 -8.21
N LEU A 421 -8.32 2.97 -7.26
CA LEU A 421 -9.34 3.39 -6.33
C LEU A 421 -9.52 4.92 -6.39
N VAL A 422 -10.78 5.36 -6.22
CA VAL A 422 -11.07 6.79 -6.08
C VAL A 422 -11.83 7.07 -4.79
N PHE A 423 -11.34 8.02 -4.01
CA PHE A 423 -11.96 8.42 -2.76
C PHE A 423 -12.40 9.87 -2.85
N GLN A 424 -13.48 10.19 -2.14
CA GLN A 424 -14.06 11.51 -2.19
C GLN A 424 -14.38 12.02 -0.80
N ARG A 425 -14.18 13.32 -0.59
CA ARG A 425 -14.60 13.95 0.66
C ARG A 425 -16.10 13.80 0.80
N TYR A 426 -16.56 13.31 1.94
CA TYR A 426 -17.97 13.15 2.17
C TYR A 426 -18.61 14.47 2.56
N GLN A 427 -19.57 14.91 1.75
CA GLN A 427 -20.29 16.16 2.01
C GLN A 427 -21.78 15.93 1.95
N GLY A 428 -22.21 14.71 2.27
CA GLY A 428 -23.61 14.31 2.13
C GLY A 428 -23.87 13.37 0.97
#